data_4XBL
#
_entry.id   4XBL
#
_cell.length_a   43.265
_cell.length_b   58.211
_cell.length_c   111.401
_cell.angle_alpha   90.00
_cell.angle_beta   90.00
_cell.angle_gamma   90.00
#
_symmetry.space_group_name_H-M   'P 21 21 21'
#
loop_
_entity.id
_entity.type
_entity.pdbx_description
1 polymer Galectin-1
2 branched beta-D-galactopyranose-(1-3)-2-acetamido-2-deoxy-beta-D-glucopyranose
3 water water
#
_entity_poly.entity_id   1
_entity_poly.type   'polypeptide(L)'
_entity_poly.pdbx_seq_one_letter_code
;GSSHHHHHHSSGLVPRGSHMACGLVASNLNLKPGE(CSO)LRVRGEVAPDAKSFVLNLGKDSNNL(CME)LHFNPRFNAH
GDANTIV(CME)NSKDGGAWGTEQREAVFPFQPGSVAEV(CSO)ITFDQANLTVKLPDGYEFKFPNRLNLEAINYMAADG
DFKIK(CME)VAFD
;
_entity_poly.pdbx_strand_id   A,B
#
# COMPACT_ATOMS: atom_id res chain seq x y z
N CYS A 22 -0.28 14.55 4.31
CA CYS A 22 -1.13 13.36 4.31
C CYS A 22 -0.34 12.10 4.67
N GLY A 23 -1.07 11.03 4.97
CA GLY A 23 -0.50 9.72 5.27
C GLY A 23 -0.45 8.84 4.06
N LEU A 24 -0.37 7.52 4.27
CA LEU A 24 -0.27 6.56 3.19
C LEU A 24 -1.42 6.66 2.18
N VAL A 25 -1.09 6.71 0.88
CA VAL A 25 -2.10 6.65 -0.18
C VAL A 25 -1.79 5.51 -1.13
N ALA A 26 -2.78 4.65 -1.37
CA ALA A 26 -2.60 3.55 -2.31
C ALA A 26 -3.68 3.55 -3.39
N SER A 27 -3.27 3.32 -4.63
CA SER A 27 -4.21 3.26 -5.73
C SER A 27 -4.03 1.99 -6.55
N ASN A 28 -4.93 1.79 -7.52
CA ASN A 28 -4.99 0.55 -8.29
C ASN A 28 -5.19 -0.68 -7.43
N LEU A 29 -5.94 -0.55 -6.34
CA LEU A 29 -6.14 -1.66 -5.40
C LEU A 29 -6.95 -2.80 -5.99
N ASN A 30 -7.89 -2.44 -6.86
CA ASN A 30 -8.77 -3.41 -7.50
C ASN A 30 -9.44 -4.39 -6.51
N LEU A 31 -9.85 -3.90 -5.36
CA LEU A 31 -10.49 -4.76 -4.37
C LEU A 31 -11.96 -5.00 -4.77
N LYS A 32 -12.28 -6.25 -5.09
CA LYS A 32 -13.59 -6.61 -5.62
C LYS A 32 -14.54 -6.96 -4.48
N PRO A 33 -15.87 -6.99 -4.75
CA PRO A 33 -16.79 -7.39 -3.69
C PRO A 33 -16.40 -8.74 -3.06
N GLY A 34 -16.36 -8.81 -1.75
CA GLY A 34 -16.07 -10.06 -1.08
C GLY A 34 -14.62 -10.23 -0.68
N GLU A 35 -13.74 -9.46 -1.30
CA GLU A 35 -12.31 -9.49 -0.97
C GLU A 35 -12.04 -8.65 0.27
N LEU A 37 -9.81 -6.25 2.78
CA LEU A 37 -8.69 -5.31 2.92
C LEU A 37 -8.33 -5.16 4.38
N ARG A 38 -7.12 -5.58 4.75
CA ARG A 38 -6.70 -5.50 6.14
C ARG A 38 -5.62 -4.43 6.36
N VAL A 39 -5.86 -3.56 7.34
CA VAL A 39 -4.91 -2.51 7.65
C VAL A 39 -4.58 -2.56 9.15
N ARG A 40 -3.29 -2.64 9.46
CA ARG A 40 -2.86 -2.61 10.85
C ARG A 40 -1.95 -1.41 11.07
N GLY A 41 -2.22 -0.67 12.14
CA GLY A 41 -1.43 0.51 12.42
C GLY A 41 -1.25 0.81 13.90
N GLU A 42 -0.38 1.77 14.19
CA GLU A 42 -0.19 2.23 15.56
C GLU A 42 -0.97 3.52 15.81
N VAL A 43 -1.88 3.49 16.78
CA VAL A 43 -2.57 4.69 17.20
C VAL A 43 -1.68 5.49 18.16
N ALA A 44 -1.41 6.75 17.82
CA ALA A 44 -0.52 7.57 18.63
C ALA A 44 -1.03 7.71 20.06
N PRO A 45 -0.12 7.81 21.03
CA PRO A 45 -0.54 7.92 22.43
C PRO A 45 -1.41 9.16 22.68
N ASP A 46 -1.17 10.23 21.93
CA ASP A 46 -1.94 11.45 22.11
C ASP A 46 -2.88 11.69 20.95
N ALA A 47 -3.29 10.60 20.31
CA ALA A 47 -4.12 10.65 19.11
C ALA A 47 -5.38 11.46 19.34
N LYS A 48 -5.72 12.33 18.40
CA LYS A 48 -7.01 13.03 18.47
C LYS A 48 -7.99 12.48 17.44
N SER A 49 -7.45 11.95 16.35
CA SER A 49 -8.26 11.48 15.23
C SER A 49 -7.41 10.74 14.19
N PHE A 50 -7.97 9.71 13.56
CA PHE A 50 -7.39 9.24 12.31
C PHE A 50 -8.47 8.88 11.29
N VAL A 51 -8.06 8.72 10.04
CA VAL A 51 -8.98 8.52 8.94
C VAL A 51 -8.49 7.38 8.05
N LEU A 52 -9.42 6.52 7.64
CA LEU A 52 -9.15 5.63 6.52
C LEU A 52 -10.19 5.95 5.46
N ASN A 53 -9.76 6.36 4.27
CA ASN A 53 -10.67 6.68 3.18
C ASN A 53 -10.58 5.60 2.11
N LEU A 54 -11.72 5.06 1.69
CA LEU A 54 -11.71 4.04 0.66
C LEU A 54 -12.69 4.39 -0.44
N GLY A 55 -12.26 4.20 -1.68
CA GLY A 55 -13.15 4.41 -2.79
C GLY A 55 -12.44 4.39 -4.13
N LYS A 56 -12.83 5.34 -4.98
CA LYS A 56 -12.27 5.50 -6.31
C LYS A 56 -11.12 6.49 -6.29
N ASP A 57 -11.32 7.62 -5.63
CA ASP A 57 -10.31 8.68 -5.53
C ASP A 57 -10.68 9.64 -4.40
N SER A 58 -9.94 10.73 -4.21
CA SER A 58 -10.19 11.56 -3.01
C SER A 58 -11.55 12.25 -3.02
N ASN A 59 -12.19 12.31 -4.19
CA ASN A 59 -13.49 12.95 -4.32
C ASN A 59 -14.64 11.95 -4.31
N ASN A 60 -14.29 10.67 -4.29
CA ASN A 60 -15.29 9.63 -4.42
C ASN A 60 -15.00 8.48 -3.46
N LEU A 61 -15.57 8.60 -2.25
CA LEU A 61 -15.30 7.66 -1.18
C LEU A 61 -16.54 6.90 -0.82
N LEU A 63 -16.36 4.81 1.62
CA LEU A 63 -16.27 4.83 3.08
C LEU A 63 -15.19 5.80 3.55
N HIS A 64 -15.62 6.79 4.32
CA HIS A 64 -14.74 7.64 5.10
C HIS A 64 -14.90 7.16 6.55
N PHE A 65 -13.86 6.54 7.07
CA PHE A 65 -13.89 5.92 8.40
C PHE A 65 -13.00 6.72 9.34
N ASN A 66 -13.64 7.39 10.30
CA ASN A 66 -12.99 8.42 11.09
C ASN A 66 -13.25 8.29 12.60
N PRO A 67 -12.43 7.47 13.28
CA PRO A 67 -12.46 7.43 14.74
C PRO A 67 -11.98 8.75 15.33
N ARG A 68 -12.83 9.37 16.13
CA ARG A 68 -12.49 10.64 16.74
C ARG A 68 -12.30 10.44 18.24
N PHE A 69 -11.04 10.53 18.66
CA PHE A 69 -10.70 10.46 20.08
C PHE A 69 -11.07 11.78 20.73
N ASN A 70 -10.64 12.87 20.09
CA ASN A 70 -10.91 14.22 20.54
C ASN A 70 -10.77 15.19 19.38
N ALA A 71 -11.82 15.28 18.58
CA ALA A 71 -11.77 16.09 17.36
C ALA A 71 -13.15 16.56 16.95
N HIS A 72 -13.21 17.78 16.42
CA HIS A 72 -14.46 18.34 15.90
C HIS A 72 -15.55 18.37 16.97
N GLY A 73 -15.15 18.43 18.23
CA GLY A 73 -16.07 18.45 19.35
C GLY A 73 -16.53 17.06 19.78
N ASP A 74 -16.07 16.03 19.08
CA ASP A 74 -16.47 14.65 19.38
C ASP A 74 -15.46 13.92 20.26
N ALA A 75 -15.94 13.01 21.10
CA ALA A 75 -15.06 12.20 21.93
C ALA A 75 -15.37 10.72 21.84
N ASN A 76 -14.33 9.92 21.60
CA ASN A 76 -14.45 8.46 21.48
C ASN A 76 -15.67 8.05 20.69
N THR A 77 -15.75 8.62 19.49
CA THR A 77 -16.84 8.38 18.57
C THR A 77 -16.29 8.00 17.21
N ILE A 78 -16.78 6.89 16.64
CA ILE A 78 -16.53 6.54 15.25
C ILE A 78 -17.51 7.25 14.34
N VAL A 79 -16.97 8.08 13.44
CA VAL A 79 -17.74 8.82 12.48
C VAL A 79 -17.52 8.21 11.10
N ASN A 81 -18.83 8.28 6.84
CA ASN A 81 -19.57 8.96 5.79
C ASN A 81 -19.14 8.47 4.42
N SER A 82 -19.85 8.96 3.41
CA SER A 82 -19.46 8.75 2.03
C SER A 82 -19.10 10.09 1.43
N LYS A 83 -18.43 10.06 0.29
CA LYS A 83 -18.26 11.28 -0.46
C LYS A 83 -18.46 10.97 -1.93
N ASP A 84 -19.37 11.70 -2.56
CA ASP A 84 -19.80 11.39 -3.91
C ASP A 84 -19.64 12.63 -4.78
N GLY A 85 -18.67 12.58 -5.69
CA GLY A 85 -18.37 13.73 -6.54
C GLY A 85 -18.04 14.96 -5.73
N GLY A 86 -17.28 14.78 -4.66
CA GLY A 86 -16.82 15.88 -3.82
C GLY A 86 -17.76 16.19 -2.65
N ALA A 87 -18.99 15.69 -2.69
CA ALA A 87 -19.99 16.03 -1.67
C ALA A 87 -20.10 14.98 -0.56
N TRP A 88 -19.95 15.41 0.70
CA TRP A 88 -20.18 14.52 1.83
C TRP A 88 -21.62 14.02 1.85
N GLY A 89 -21.82 12.75 2.16
CA GLY A 89 -23.18 12.23 2.31
C GLY A 89 -23.72 12.46 3.71
N THR A 90 -24.67 11.62 4.14
CA THR A 90 -25.22 11.74 5.48
C THR A 90 -24.35 10.95 6.42
N GLU A 91 -23.85 11.66 7.42
CA GLU A 91 -22.91 11.11 8.37
C GLU A 91 -23.62 10.05 9.23
N GLN A 92 -22.93 8.97 9.58
CA GLN A 92 -23.42 8.01 10.56
C GLN A 92 -22.37 7.75 11.64
N ARG A 93 -22.82 7.52 12.86
CA ARG A 93 -21.91 7.24 13.97
C ARG A 93 -22.26 5.94 14.70
N GLU A 94 -21.25 5.28 15.25
CA GLU A 94 -21.46 4.12 16.11
C GLU A 94 -21.34 4.57 17.56
N ALA A 95 -21.98 3.83 18.45
CA ALA A 95 -21.87 4.13 19.86
C ALA A 95 -20.57 3.56 20.43
N VAL A 96 -20.13 2.42 19.90
CA VAL A 96 -18.96 1.71 20.45
C VAL A 96 -17.64 2.24 19.91
N PHE A 97 -16.63 2.28 20.77
CA PHE A 97 -15.35 2.83 20.40
C PHE A 97 -14.19 1.96 20.88
N PRO A 98 -13.85 0.91 20.12
CA PRO A 98 -12.82 -0.02 20.55
C PRO A 98 -11.43 0.35 20.03
N PHE A 99 -11.03 1.59 20.24
CA PHE A 99 -9.67 2.04 19.94
C PHE A 99 -9.08 2.68 21.19
N GLN A 100 -7.80 2.46 21.42
CA GLN A 100 -7.15 3.17 22.51
C GLN A 100 -5.90 3.86 22.02
N PRO A 101 -5.70 5.10 22.46
CA PRO A 101 -4.46 5.81 22.14
C PRO A 101 -3.28 4.99 22.61
N GLY A 102 -2.21 4.99 21.82
CA GLY A 102 -0.99 4.30 22.17
C GLY A 102 -1.06 2.78 22.06
N SER A 103 -1.91 2.29 21.17
CA SER A 103 -1.97 0.85 20.94
C SER A 103 -1.97 0.55 19.45
N VAL A 104 -1.90 -0.72 19.09
CA VAL A 104 -1.97 -1.14 17.71
C VAL A 104 -3.40 -1.54 17.39
N ALA A 105 -3.91 -1.05 16.26
CA ALA A 105 -5.27 -1.37 15.81
C ALA A 105 -5.27 -2.03 14.45
N GLU A 106 -6.12 -3.04 14.27
CA GLU A 106 -6.33 -3.67 12.96
C GLU A 106 -7.79 -3.47 12.52
N VAL A 107 -7.97 -3.13 11.25
CA VAL A 107 -9.30 -2.98 10.67
C VAL A 107 -9.39 -3.79 9.37
N ILE A 109 -11.80 -4.58 6.07
CA ILE A 109 -12.95 -4.04 5.34
C ILE A 109 -13.26 -4.90 4.13
N THR A 110 -14.55 -5.12 3.91
CA THR A 110 -15.04 -5.76 2.71
C THR A 110 -16.34 -5.07 2.29
N PHE A 111 -16.85 -5.39 1.12
CA PHE A 111 -18.12 -4.79 0.70
C PHE A 111 -18.90 -5.66 -0.25
N ASP A 112 -20.21 -5.42 -0.32
CA ASP A 112 -21.06 -5.96 -1.37
C ASP A 112 -21.90 -4.78 -1.89
N GLN A 113 -22.85 -5.03 -2.78
CA GLN A 113 -23.57 -3.88 -3.35
C GLN A 113 -24.45 -3.14 -2.32
N ALA A 114 -24.77 -3.80 -1.21
CA ALA A 114 -25.66 -3.19 -0.21
C ALA A 114 -24.87 -2.44 0.85
N ASN A 115 -23.80 -3.05 1.36
CA ASN A 115 -23.07 -2.49 2.49
C ASN A 115 -21.57 -2.68 2.44
N LEU A 116 -20.86 -1.78 3.10
CA LEU A 116 -19.50 -2.05 3.52
C LEU A 116 -19.58 -2.70 4.89
N THR A 117 -18.69 -3.65 5.16
CA THR A 117 -18.65 -4.29 6.45
C THR A 117 -17.26 -4.03 6.98
N VAL A 118 -17.20 -3.42 8.16
CA VAL A 118 -15.94 -3.10 8.80
C VAL A 118 -15.78 -3.93 10.07
N LYS A 119 -14.72 -4.72 10.16
CA LYS A 119 -14.51 -5.48 11.38
C LYS A 119 -13.35 -4.85 12.16
N LEU A 120 -13.60 -4.69 13.44
CA LEU A 120 -12.73 -3.96 14.36
C LEU A 120 -11.96 -4.93 15.26
N PRO A 121 -10.92 -4.44 15.96
CA PRO A 121 -10.05 -5.36 16.70
C PRO A 121 -10.74 -6.31 17.68
N ASP A 122 -11.64 -5.78 18.51
CA ASP A 122 -12.30 -6.60 19.53
C ASP A 122 -13.46 -7.42 18.98
N GLY A 123 -13.53 -7.54 17.66
CA GLY A 123 -14.51 -8.43 17.06
C GLY A 123 -15.75 -7.65 16.72
N TYR A 124 -15.70 -6.35 16.99
CA TYR A 124 -16.78 -5.46 16.61
C TYR A 124 -16.89 -5.40 15.09
N GLU A 125 -18.13 -5.41 14.62
CA GLU A 125 -18.42 -5.41 13.21
C GLU A 125 -19.61 -4.52 12.90
N PHE A 126 -19.41 -3.52 12.07
CA PHE A 126 -20.53 -2.69 11.66
C PHE A 126 -20.66 -2.58 10.17
N LYS A 127 -21.83 -2.16 9.74
CA LYS A 127 -22.11 -2.00 8.34
C LYS A 127 -22.40 -0.54 8.06
N PHE A 128 -21.95 -0.08 6.89
CA PHE A 128 -22.21 1.26 6.43
C PHE A 128 -22.76 1.10 5.02
N PRO A 129 -23.87 1.80 4.71
CA PRO A 129 -24.46 1.62 3.38
C PRO A 129 -23.49 1.93 2.25
N ASN A 130 -23.53 1.11 1.21
CA ASN A 130 -22.76 1.34 -0.02
C ASN A 130 -23.51 2.33 -0.90
N ARG A 131 -23.08 3.59 -0.90
CA ARG A 131 -23.84 4.65 -1.55
C ARG A 131 -23.36 4.93 -2.97
N LEU A 132 -22.16 4.45 -3.29
CA LEU A 132 -21.55 4.75 -4.58
C LEU A 132 -21.65 3.61 -5.58
N ASN A 133 -21.75 2.38 -5.08
CA ASN A 133 -21.76 1.18 -5.90
C ASN A 133 -20.71 1.15 -7.03
N LEU A 134 -19.47 1.36 -6.65
CA LEU A 134 -18.31 1.18 -7.54
C LEU A 134 -18.14 -0.31 -7.78
N GLU A 135 -17.50 -0.69 -8.88
CA GLU A 135 -17.27 -2.13 -9.09
C GLU A 135 -16.14 -2.65 -8.19
N ALA A 136 -15.26 -1.76 -7.74
CA ALA A 136 -14.15 -2.15 -6.90
C ALA A 136 -13.71 -1.00 -6.00
N ILE A 137 -13.05 -1.30 -4.89
CA ILE A 137 -12.33 -0.27 -4.17
C ILE A 137 -10.93 -0.16 -4.78
N ASN A 138 -10.62 0.99 -5.36
CA ASN A 138 -9.33 1.16 -6.02
C ASN A 138 -8.39 2.11 -5.30
N TYR A 139 -8.90 2.77 -4.27
CA TYR A 139 -8.17 3.84 -3.64
C TYR A 139 -8.30 3.75 -2.13
N MET A 140 -7.18 3.86 -1.45
CA MET A 140 -7.19 4.00 0.00
C MET A 140 -6.25 5.09 0.45
N ALA A 141 -6.68 5.90 1.41
CA ALA A 141 -5.79 6.92 1.95
C ALA A 141 -5.95 6.91 3.46
N ALA A 142 -4.84 6.97 4.18
CA ALA A 142 -4.88 7.09 5.63
C ALA A 142 -4.45 8.48 6.02
N ASP A 143 -4.98 9.00 7.11
CA ASP A 143 -4.58 10.30 7.58
C ASP A 143 -4.71 10.39 9.09
N GLY A 144 -4.02 11.36 9.70
CA GLY A 144 -4.13 11.56 11.12
C GLY A 144 -3.24 10.67 11.95
N ASP A 145 -3.65 10.44 13.19
CA ASP A 145 -2.80 9.87 14.24
C ASP A 145 -2.76 8.34 14.25
N PHE A 146 -2.49 7.77 13.08
CA PHE A 146 -2.49 6.34 12.85
C PHE A 146 -1.31 5.96 11.96
N LYS A 147 -0.30 5.31 12.51
CA LYS A 147 0.86 4.96 11.70
C LYS A 147 0.70 3.55 11.16
N ILE A 148 0.47 3.47 9.85
CA ILE A 148 0.21 2.20 9.18
C ILE A 148 1.47 1.34 9.16
N LYS A 149 1.31 0.09 9.57
CA LYS A 149 2.44 -0.82 9.64
C LYS A 149 2.33 -1.92 8.59
N VAL A 151 -0.46 -3.51 5.32
CA VAL A 151 -1.69 -3.58 4.54
C VAL A 151 -1.73 -4.89 3.77
N ALA A 152 -2.84 -5.61 3.83
CA ALA A 152 -2.93 -6.90 3.15
C ALA A 152 -4.25 -7.10 2.39
N PHE A 153 -4.21 -7.94 1.36
CA PHE A 153 -5.35 -8.27 0.50
C PHE A 153 -5.69 -9.76 0.45
N ASP A 154 -6.97 -10.06 0.32
CA ASP A 154 -7.43 -11.44 0.25
C ASP A 154 -8.37 -11.65 -0.94
N CYS B 22 -1.94 -0.86 -14.55
CA CYS B 22 -0.76 -0.98 -13.70
C CYS B 22 -1.17 -1.71 -12.41
N GLY B 23 -0.20 -2.09 -11.59
CA GLY B 23 -0.52 -2.76 -10.34
C GLY B 23 -0.62 -1.74 -9.22
N LEU B 24 -0.50 -2.23 -7.99
CA LEU B 24 -0.60 -1.37 -6.82
C LEU B 24 0.41 -0.24 -6.89
N VAL B 25 -0.06 0.97 -6.60
CA VAL B 25 0.80 2.13 -6.48
C VAL B 25 0.60 2.72 -5.09
N ALA B 26 1.68 2.92 -4.35
CA ALA B 26 1.54 3.52 -3.03
C ALA B 26 2.47 4.71 -2.92
N SER B 27 1.97 5.78 -2.33
CA SER B 27 2.76 6.97 -2.13
C SER B 27 2.69 7.43 -0.66
N ASN B 28 3.47 8.46 -0.36
CA ASN B 28 3.67 8.94 1.00
C ASN B 28 4.21 7.87 1.95
N LEU B 29 5.05 6.99 1.44
CA LEU B 29 5.60 5.88 2.22
C LEU B 29 6.55 6.34 3.32
N ASN B 30 7.29 7.42 3.05
CA ASN B 30 8.25 7.96 4.01
C ASN B 30 9.21 6.92 4.61
N LEU B 31 9.71 6.02 3.78
CA LEU B 31 10.65 5.01 4.23
C LEU B 31 12.06 5.58 4.32
N LYS B 32 12.61 5.66 5.53
CA LYS B 32 13.92 6.27 5.70
C LYS B 32 15.06 5.23 5.62
N PRO B 33 16.33 5.70 5.51
CA PRO B 33 17.45 4.76 5.47
C PRO B 33 17.44 3.79 6.63
N GLY B 34 17.60 2.52 6.32
CA GLY B 34 17.69 1.51 7.35
C GLY B 34 16.36 0.86 7.65
N GLU B 35 15.27 1.54 7.30
CA GLU B 35 13.94 0.98 7.49
C GLU B 35 13.69 -0.05 6.41
N LEU B 37 11.16 -2.27 3.91
CA LEU B 37 9.90 -2.45 3.21
C LEU B 37 9.75 -3.92 2.83
N ARG B 38 8.72 -4.57 3.37
CA ARG B 38 8.47 -5.98 3.06
C ARG B 38 7.27 -6.07 2.10
N VAL B 39 7.48 -6.75 0.98
CA VAL B 39 6.44 -6.96 -0.02
C VAL B 39 6.31 -8.44 -0.37
N ARG B 40 5.09 -8.95 -0.28
CA ARG B 40 4.75 -10.30 -0.70
C ARG B 40 3.73 -10.27 -1.82
N GLY B 41 3.98 -11.01 -2.89
CA GLY B 41 3.08 -10.99 -4.03
C GLY B 41 2.95 -12.31 -4.76
N GLU B 42 2.00 -12.35 -5.68
CA GLU B 42 1.77 -13.53 -6.51
C GLU B 42 2.36 -13.29 -7.90
N VAL B 43 3.34 -14.10 -8.29
CA VAL B 43 3.89 -14.06 -9.65
C VAL B 43 2.97 -14.87 -10.56
N ALA B 44 2.45 -14.26 -11.62
CA ALA B 44 1.48 -14.93 -12.49
C ALA B 44 2.05 -16.22 -13.08
N PRO B 45 1.18 -17.22 -13.36
CA PRO B 45 1.59 -18.52 -13.90
C PRO B 45 2.30 -18.42 -15.24
N ASP B 46 1.91 -17.41 -16.01
CA ASP B 46 2.45 -17.22 -17.35
C ASP B 46 3.40 -16.02 -17.36
N ALA B 47 4.02 -15.76 -16.21
CA ALA B 47 4.84 -14.57 -16.03
C ALA B 47 5.91 -14.47 -17.08
N LYS B 48 6.00 -13.30 -17.73
CA LYS B 48 7.10 -13.01 -18.61
C LYS B 48 8.01 -11.95 -18.01
N SER B 49 7.46 -11.12 -17.14
CA SER B 49 8.21 -10.03 -16.53
C SER B 49 7.39 -9.41 -15.41
N PHE B 50 8.02 -9.00 -14.32
CA PHE B 50 7.34 -8.10 -13.41
C PHE B 50 8.27 -7.03 -12.90
N VAL B 51 7.69 -6.00 -12.31
CA VAL B 51 8.42 -4.80 -11.93
C VAL B 51 8.05 -4.34 -10.52
N LEU B 52 9.05 -3.96 -9.73
CA LEU B 52 8.82 -3.13 -8.55
C LEU B 52 9.60 -1.86 -8.70
N ASN B 53 8.88 -0.75 -8.68
CA ASN B 53 9.49 0.56 -8.79
C ASN B 53 9.48 1.26 -7.44
N LEU B 54 10.62 1.79 -7.05
CA LEU B 54 10.78 2.49 -5.79
C LEU B 54 11.46 3.84 -5.98
N GLY B 55 10.94 4.87 -5.35
CA GLY B 55 11.62 6.15 -5.36
C GLY B 55 10.80 7.28 -4.79
N LYS B 56 10.85 8.43 -5.46
CA LYS B 56 10.13 9.61 -5.05
C LYS B 56 8.76 9.65 -5.72
N ASP B 57 8.74 9.36 -7.02
CA ASP B 57 7.52 9.36 -7.81
C ASP B 57 7.82 8.62 -9.10
N SER B 58 6.88 8.56 -10.03
CA SER B 58 7.08 7.69 -11.19
C SER B 58 8.23 8.16 -12.08
N ASN B 59 8.66 9.41 -11.92
CA ASN B 59 9.76 9.92 -12.73
C ASN B 59 11.10 9.93 -12.03
N ASN B 60 11.12 9.53 -10.77
CA ASN B 60 12.32 9.57 -9.98
C ASN B 60 12.41 8.29 -9.18
N LEU B 61 13.05 7.29 -9.76
CA LEU B 61 13.12 5.96 -9.18
C LEU B 61 14.55 5.62 -8.80
N LEU B 63 15.15 2.76 -7.53
CA LEU B 63 15.23 1.38 -7.97
C LEU B 63 14.04 0.91 -8.80
N HIS B 64 14.35 0.52 -10.02
CA HIS B 64 13.45 -0.20 -10.92
C HIS B 64 13.96 -1.62 -10.87
N PHE B 65 13.19 -2.52 -10.28
CA PHE B 65 13.63 -3.91 -10.03
C PHE B 65 12.81 -4.79 -10.98
N ASN B 66 13.47 -5.37 -11.99
CA ASN B 66 12.71 -5.97 -13.08
C ASN B 66 13.19 -7.36 -13.47
N PRO B 67 12.68 -8.38 -12.75
CA PRO B 67 12.93 -9.76 -13.13
C PRO B 67 12.25 -10.10 -14.44
N ARG B 68 13.07 -10.50 -15.41
CA ARG B 68 12.58 -10.87 -16.73
C ARG B 68 12.74 -12.37 -16.91
N PHE B 69 11.61 -13.08 -16.95
CA PHE B 69 11.62 -14.51 -17.22
C PHE B 69 11.93 -14.73 -18.69
N ASN B 70 11.21 -13.99 -19.53
CA ASN B 70 11.44 -14.01 -20.97
C ASN B 70 10.78 -12.78 -21.59
N ALA B 71 11.52 -11.67 -21.61
CA ALA B 71 11.02 -10.40 -22.11
C ALA B 71 12.19 -9.55 -22.60
N HIS B 72 11.97 -8.81 -23.68
CA HIS B 72 12.98 -7.89 -24.24
C HIS B 72 14.28 -8.59 -24.62
N GLY B 73 14.19 -9.88 -24.96
CA GLY B 73 15.35 -10.65 -25.33
C GLY B 73 16.11 -11.27 -24.15
N ASP B 74 15.68 -10.97 -22.93
CA ASP B 74 16.32 -11.55 -21.76
C ASP B 74 15.57 -12.78 -21.27
N ALA B 75 16.31 -13.74 -20.75
CA ALA B 75 15.71 -14.94 -20.18
C ALA B 75 16.27 -15.12 -18.78
N ASN B 76 15.39 -15.28 -17.80
CA ASN B 76 15.76 -15.48 -16.40
C ASN B 76 16.91 -14.57 -15.96
N THR B 77 16.72 -13.29 -16.18
CA THR B 77 17.68 -12.25 -15.86
C THR B 77 16.98 -11.17 -15.05
N ILE B 78 17.56 -10.76 -13.94
CA ILE B 78 17.08 -9.57 -13.25
C ILE B 78 17.72 -8.30 -13.83
N VAL B 79 16.89 -7.36 -14.29
CA VAL B 79 17.35 -6.07 -14.76
C VAL B 79 17.03 -5.01 -13.71
N ASN B 81 17.50 -0.80 -12.73
CA ASN B 81 17.88 0.51 -13.22
C ASN B 81 17.41 1.61 -12.30
N SER B 82 17.83 2.83 -12.61
CA SER B 82 17.29 4.02 -11.96
C SER B 82 16.58 4.88 -13.00
N LYS B 83 15.81 5.82 -12.51
CA LYS B 83 15.24 6.84 -13.37
C LYS B 83 15.32 8.17 -12.66
N ASP B 84 15.88 9.16 -13.33
CA ASP B 84 16.21 10.43 -12.71
C ASP B 84 15.60 11.56 -13.54
N GLY B 85 14.57 12.21 -12.99
CA GLY B 85 13.87 13.27 -13.71
C GLY B 85 13.36 12.79 -15.05
N GLY B 86 12.86 11.56 -15.09
CA GLY B 86 12.29 11.00 -16.30
C GLY B 86 13.24 10.20 -17.18
N ALA B 87 14.55 10.32 -16.95
CA ALA B 87 15.53 9.64 -17.79
C ALA B 87 16.05 8.37 -17.14
N TRP B 88 15.97 7.24 -17.85
CA TRP B 88 16.55 5.97 -17.40
C TRP B 88 18.07 6.09 -17.28
N GLY B 89 18.64 5.49 -16.23
CA GLY B 89 20.08 5.44 -16.09
C GLY B 89 20.59 4.23 -16.85
N THR B 90 21.75 3.73 -16.44
CA THR B 90 22.32 2.54 -17.06
C THR B 90 21.88 1.25 -16.34
N GLU B 91 21.42 0.25 -17.10
CA GLU B 91 20.96 -1.00 -16.52
C GLU B 91 22.09 -1.81 -15.88
N GLN B 92 21.75 -2.45 -14.76
CA GLN B 92 22.64 -3.43 -14.17
C GLN B 92 21.88 -4.74 -14.16
N ARG B 93 22.58 -5.83 -14.45
CA ARG B 93 21.96 -7.13 -14.55
C ARG B 93 22.63 -8.18 -13.66
N GLU B 94 21.82 -9.07 -13.09
CA GLU B 94 22.30 -10.22 -12.33
C GLU B 94 22.18 -11.50 -13.14
N ALA B 95 23.04 -12.46 -12.85
CA ALA B 95 22.92 -13.79 -13.44
C ALA B 95 21.94 -14.62 -12.62
N VAL B 96 21.93 -14.40 -11.30
CA VAL B 96 21.17 -15.25 -10.40
C VAL B 96 19.69 -14.88 -10.45
N PHE B 97 18.85 -15.89 -10.60
CA PHE B 97 17.43 -15.65 -10.82
C PHE B 97 16.53 -16.56 -9.98
N PRO B 98 16.26 -16.15 -8.74
CA PRO B 98 15.49 -16.96 -7.80
C PRO B 98 14.01 -16.61 -7.80
N PHE B 99 13.40 -16.57 -8.98
CA PHE B 99 11.97 -16.35 -9.08
C PHE B 99 11.36 -17.43 -9.96
N GLN B 100 10.15 -17.87 -9.63
CA GLN B 100 9.47 -18.83 -10.48
C GLN B 100 8.07 -18.34 -10.85
N PRO B 101 7.68 -18.51 -12.11
CA PRO B 101 6.33 -18.18 -12.55
C PRO B 101 5.29 -18.95 -11.76
N GLY B 102 4.16 -18.32 -11.45
CA GLY B 102 3.10 -19.03 -10.76
C GLY B 102 3.43 -19.33 -9.31
N SER B 103 4.21 -18.45 -8.69
CA SER B 103 4.57 -18.65 -7.30
C SER B 103 4.41 -17.39 -6.46
N VAL B 104 4.66 -17.53 -5.17
CA VAL B 104 4.66 -16.39 -4.27
C VAL B 104 6.10 -15.89 -4.11
N ALA B 105 6.29 -14.59 -4.23
CA ALA B 105 7.60 -14.01 -4.00
C ALA B 105 7.51 -13.00 -2.87
N GLU B 106 8.49 -13.06 -1.98
CA GLU B 106 8.63 -12.09 -0.90
C GLU B 106 9.95 -11.38 -1.05
N VAL B 107 9.95 -10.06 -0.93
CA VAL B 107 11.22 -9.31 -0.91
C VAL B 107 11.21 -8.36 0.28
N ILE B 109 13.09 -4.75 1.14
CA ILE B 109 13.90 -3.70 0.54
C ILE B 109 14.33 -2.69 1.59
N THR B 110 15.59 -2.29 1.51
CA THR B 110 16.10 -1.23 2.32
C THR B 110 17.15 -0.44 1.54
N PHE B 111 17.57 0.69 2.08
CA PHE B 111 18.63 1.46 1.40
C PHE B 111 19.45 2.22 2.42
N ASP B 112 20.67 2.56 2.00
CA ASP B 112 21.51 3.47 2.76
C ASP B 112 22.13 4.46 1.79
N GLN B 113 23.13 5.18 2.26
CA GLN B 113 23.76 6.21 1.46
C GLN B 113 24.42 5.63 0.20
N ALA B 114 24.82 4.37 0.26
CA ALA B 114 25.56 3.75 -0.84
C ALA B 114 24.72 2.89 -1.79
N ASN B 115 23.84 2.07 -1.22
CA ASN B 115 23.12 1.08 -2.01
C ASN B 115 21.66 0.90 -1.64
N LEU B 116 20.88 0.46 -2.63
CA LEU B 116 19.63 -0.20 -2.31
C LEU B 116 19.90 -1.68 -2.20
N THR B 117 19.24 -2.33 -1.25
CA THR B 117 19.41 -3.76 -1.06
C THR B 117 18.07 -4.48 -1.16
N VAL B 118 18.00 -5.49 -2.01
CA VAL B 118 16.79 -6.31 -2.12
C VAL B 118 17.12 -7.69 -1.59
N LYS B 119 16.46 -8.09 -0.50
CA LYS B 119 16.72 -9.40 0.11
C LYS B 119 15.57 -10.37 -0.04
N LEU B 120 15.88 -11.63 -0.34
CA LEU B 120 14.83 -12.64 -0.41
C LEU B 120 14.98 -13.50 0.82
N PRO B 121 13.89 -14.19 1.25
CA PRO B 121 13.94 -14.92 2.52
C PRO B 121 15.07 -15.93 2.57
N ASP B 122 15.31 -16.66 1.48
CA ASP B 122 16.32 -17.72 1.49
C ASP B 122 17.74 -17.20 1.44
N GLY B 123 17.89 -15.89 1.60
CA GLY B 123 19.20 -15.29 1.74
C GLY B 123 19.81 -14.65 0.50
N TYR B 124 19.11 -14.66 -0.62
CA TYR B 124 19.59 -13.93 -1.80
C TYR B 124 19.56 -12.45 -1.48
N GLU B 125 20.57 -11.74 -1.94
CA GLU B 125 20.69 -10.34 -1.64
C GLU B 125 21.16 -9.63 -2.90
N PHE B 126 20.39 -8.65 -3.34
CA PHE B 126 20.81 -7.91 -4.52
C PHE B 126 21.05 -6.46 -4.12
N LYS B 127 22.12 -5.91 -4.63
CA LYS B 127 22.46 -4.53 -4.33
C LYS B 127 22.51 -3.72 -5.62
N PHE B 128 22.00 -2.51 -5.53
CA PHE B 128 22.01 -1.59 -6.65
C PHE B 128 22.50 -0.23 -6.15
N PRO B 129 23.43 0.41 -6.86
CA PRO B 129 23.95 1.70 -6.39
C PRO B 129 22.85 2.73 -6.16
N ASN B 130 22.97 3.50 -5.07
CA ASN B 130 22.05 4.59 -4.77
C ASN B 130 22.44 5.81 -5.59
N ARG B 131 21.72 6.04 -6.68
CA ARG B 131 22.14 7.06 -7.65
C ARG B 131 21.45 8.40 -7.45
N LEU B 132 20.34 8.39 -6.71
CA LEU B 132 19.50 9.57 -6.54
C LEU B 132 19.73 10.24 -5.21
N ASN B 133 20.22 9.46 -4.24
CA ASN B 133 20.41 9.89 -2.86
C ASN B 133 19.26 10.73 -2.29
N LEU B 134 18.05 10.22 -2.42
CA LEU B 134 16.89 10.83 -1.76
C LEU B 134 16.84 10.52 -0.26
N GLU B 135 16.17 11.37 0.52
CA GLU B 135 16.09 11.17 1.96
C GLU B 135 15.21 10.00 2.32
N ALA B 136 14.29 9.66 1.41
CA ALA B 136 13.33 8.60 1.67
C ALA B 136 12.79 7.97 0.40
N ILE B 137 12.32 6.74 0.53
CA ILE B 137 11.46 6.16 -0.49
C ILE B 137 10.01 6.54 -0.16
N ASN B 138 9.38 7.28 -1.06
CA ASN B 138 8.02 7.74 -0.82
C ASN B 138 6.99 7.11 -1.74
N TYR B 139 7.50 6.36 -2.70
CA TYR B 139 6.70 5.84 -3.79
C TYR B 139 7.08 4.39 -4.06
N MET B 140 6.09 3.53 -4.18
CA MET B 140 6.30 2.17 -4.68
C MET B 140 5.20 1.81 -5.67
N ALA B 141 5.59 1.16 -6.76
CA ALA B 141 4.61 0.72 -7.74
C ALA B 141 4.96 -0.65 -8.27
N ALA B 142 3.95 -1.50 -8.42
CA ALA B 142 4.13 -2.79 -9.05
C ALA B 142 3.53 -2.75 -10.44
N ASP B 143 4.13 -3.52 -11.35
CA ASP B 143 3.64 -3.63 -12.72
C ASP B 143 4.04 -5.02 -13.23
N GLY B 144 3.38 -5.47 -14.28
CA GLY B 144 3.73 -6.75 -14.85
C GLY B 144 3.06 -7.88 -14.10
N ASP B 145 3.66 -9.06 -14.19
CA ASP B 145 2.97 -10.26 -13.76
C ASP B 145 3.17 -10.52 -12.26
N PHE B 146 2.91 -9.50 -11.45
CA PHE B 146 3.12 -9.56 -9.99
C PHE B 146 1.97 -8.92 -9.22
N LYS B 147 1.18 -9.74 -8.55
CA LYS B 147 0.05 -9.24 -7.77
C LYS B 147 0.42 -9.10 -6.30
N ILE B 148 0.54 -7.86 -5.82
CA ILE B 148 0.93 -7.62 -4.43
C ILE B 148 -0.20 -8.01 -3.46
N LYS B 149 0.14 -8.80 -2.45
CA LYS B 149 -0.85 -9.25 -1.48
C LYS B 149 -0.62 -8.70 -0.07
N VAL B 151 1.92 -5.63 2.11
CA VAL B 151 3.03 -4.69 2.24
C VAL B 151 3.17 -4.31 3.70
N ALA B 152 4.40 -4.32 4.19
CA ALA B 152 4.65 -4.00 5.60
C ALA B 152 5.83 -3.06 5.74
N PHE B 153 5.82 -2.27 6.81
CA PHE B 153 6.89 -1.34 7.09
C PHE B 153 7.49 -1.67 8.44
N ASP B 154 8.81 -1.61 8.52
CA ASP B 154 9.53 -1.92 9.75
C ASP B 154 10.57 -0.85 10.03
#